data_3GXH
#
_entry.id   3GXH
#
_cell.length_a   57.303
_cell.length_b   57.528
_cell.length_c   92.364
_cell.angle_alpha   90.000
_cell.angle_beta   90.000
_cell.angle_gamma   90.000
#
_symmetry.space_group_name_H-M   'P 21 21 21'
#
loop_
_entity.id
_entity.type
_entity.pdbx_description
1 polymer 'Putative phosphatase (DUF442)'
2 non-polymer 'CHLORIDE ION'
3 non-polymer 'SULFATE ION'
4 non-polymer 1,2-ETHANEDIOL
5 water water
#
_entity_poly.entity_id   1
_entity_poly.type   'polypeptide(L)'
_entity_poly.pdbx_seq_one_letter_code
;GNIESIENLQGIRALQQQAPQLLSSGLPNEQQFSLLKQAGVDVVINL(MSE)PDSSKDAHPDEGKLVTQAG(MSE)DYVY
IPVDWQNPKVEDVEAFFAA(MSE)DQHKGKDVLVHCLANYRASAFAYLYQLKQGQNPN(MSE)AQT(MSE)TPWNDELAI
YPKWQALLTEVSAKYGH
;
_entity_poly.pdbx_strand_id   A,B
#
loop_
_chem_comp.id
_chem_comp.type
_chem_comp.name
_chem_comp.formula
CL non-polymer 'CHLORIDE ION' 'Cl -1'
EDO non-polymer 1,2-ETHANEDIOL 'C2 H6 O2'
SO4 non-polymer 'SULFATE ION' 'O4 S -2'
#
# COMPACT_ATOMS: atom_id res chain seq x y z
N ASN A 2 -10.12 -7.33 19.99
CA ASN A 2 -11.36 -6.49 20.08
C ASN A 2 -11.49 -5.62 18.83
N ILE A 3 -12.67 -5.03 18.61
CA ILE A 3 -12.98 -4.45 17.29
C ILE A 3 -12.04 -3.29 16.93
N GLU A 4 -11.66 -2.49 17.93
CA GLU A 4 -10.72 -1.40 17.72
C GLU A 4 -9.39 -1.90 17.12
N SER A 5 -8.80 -2.98 17.64
CA SER A 5 -7.55 -3.49 17.07
CA SER A 5 -7.55 -3.49 17.07
C SER A 5 -7.72 -3.93 15.60
N ILE A 6 -8.94 -4.31 15.21
CA ILE A 6 -9.23 -4.83 13.85
C ILE A 6 -9.50 -3.73 12.77
N GLU A 7 -10.28 -2.78 13.19
CA GLU A 7 -10.36 -1.53 12.45
CA GLU A 7 -10.37 -1.49 12.55
C GLU A 7 -8.95 -0.93 12.39
N ASN A 8 -8.07 -1.27 13.34
CA ASN A 8 -6.71 -0.77 13.32
C ASN A 8 -5.84 -1.44 12.25
N LEU A 9 -6.35 -2.40 11.50
CA LEU A 9 -5.62 -2.99 10.38
C LEU A 9 -5.92 -2.32 9.03
N GLN A 10 -6.83 -1.36 8.99
CA GLN A 10 -7.34 -0.83 7.73
C GLN A 10 -6.37 0.10 7.01
N GLY A 11 -5.22 0.39 7.61
CA GLY A 11 -4.12 1.11 6.95
C GLY A 11 -3.16 0.21 6.24
N ILE A 12 -3.28 -1.12 6.39
CA ILE A 12 -2.44 -2.07 5.64
C ILE A 12 -2.88 -2.12 4.18
N ARG A 13 -1.88 -1.97 3.32
CA ARG A 13 -2.12 -1.97 1.90
C ARG A 13 -2.95 -3.15 1.43
N ALA A 14 -4.03 -2.88 0.72
CA ALA A 14 -4.87 -3.91 0.09
C ALA A 14 -5.38 -4.98 1.04
N LEU A 15 -5.57 -4.63 2.30
CA LEU A 15 -6.10 -5.60 3.28
C LEU A 15 -7.55 -5.96 3.05
N GLN A 16 -7.81 -7.26 3.06
CA GLN A 16 -9.16 -7.78 2.89
C GLN A 16 -9.34 -8.99 3.73
N GLN A 17 -10.34 -8.94 4.61
CA GLN A 17 -10.69 -10.11 5.40
CA GLN A 17 -10.69 -10.10 5.43
C GLN A 17 -11.43 -11.10 4.54
N GLN A 18 -10.92 -12.29 4.44
CA GLN A 18 -11.43 -13.32 3.59
C GLN A 18 -12.38 -14.25 4.35
N ALA A 19 -12.14 -14.37 5.66
CA ALA A 19 -12.93 -15.20 6.58
C ALA A 19 -12.60 -14.79 8.00
N PRO A 20 -13.43 -15.18 8.98
CA PRO A 20 -13.11 -14.72 10.34
C PRO A 20 -11.66 -15.02 10.83
N GLN A 21 -11.04 -16.12 10.38
CA GLN A 21 -9.60 -16.42 10.71
C GLN A 21 -8.56 -16.27 9.55
N LEU A 22 -8.96 -15.70 8.42
CA LEU A 22 -8.02 -15.52 7.30
C LEU A 22 -8.12 -14.10 6.78
N LEU A 23 -7.00 -13.38 6.85
CA LEU A 23 -6.79 -12.10 6.24
C LEU A 23 -5.90 -12.29 5.03
N SER A 24 -6.12 -11.49 3.99
CA SER A 24 -5.18 -11.37 2.87
C SER A 24 -4.80 -9.90 2.75
N SER A 25 -3.58 -9.61 2.31
CA SER A 25 -3.17 -8.23 2.14
C SER A 25 -1.99 -8.07 1.22
N GLY A 26 -1.69 -6.81 0.99
CA GLY A 26 -0.39 -6.41 0.51
C GLY A 26 0.62 -6.31 1.62
N LEU A 27 1.73 -5.58 1.37
CA LEU A 27 2.89 -5.71 2.25
C LEU A 27 2.77 -4.84 3.49
N PRO A 28 2.69 -5.43 4.68
CA PRO A 28 2.73 -4.60 5.90
C PRO A 28 4.07 -3.94 6.08
N ASN A 29 4.14 -2.70 6.52
CA ASN A 29 5.39 -2.14 6.99
C ASN A 29 5.68 -2.67 8.38
N GLU A 30 6.84 -2.34 8.94
CA GLU A 30 7.28 -2.91 10.18
C GLU A 30 6.31 -2.67 11.31
N GLN A 31 5.87 -1.44 11.49
CA GLN A 31 4.93 -1.11 12.56
C GLN A 31 3.61 -1.83 12.41
N GLN A 32 3.19 -2.06 11.18
CA GLN A 32 1.93 -2.75 10.91
C GLN A 32 1.98 -4.23 11.37
N PHE A 33 3.17 -4.85 11.43
CA PHE A 33 3.20 -6.19 11.98
C PHE A 33 2.81 -6.20 13.45
N SER A 34 3.19 -5.17 14.19
CA SER A 34 2.72 -5.04 15.58
C SER A 34 1.20 -4.88 15.66
N LEU A 35 0.62 -4.13 14.73
CA LEU A 35 -0.83 -3.95 14.70
C LEU A 35 -1.52 -5.30 14.43
N LEU A 36 -0.94 -6.10 13.53
CA LEU A 36 -1.45 -7.44 13.25
C LEU A 36 -1.43 -8.31 14.49
N LYS A 37 -0.35 -8.30 15.23
CA LYS A 37 -0.29 -9.08 16.47
C LYS A 37 -1.39 -8.63 17.44
N GLN A 38 -1.52 -7.32 17.60
CA GLN A 38 -2.49 -6.77 18.54
C GLN A 38 -3.91 -7.12 18.17
N ALA A 39 -4.19 -7.31 16.88
CA ALA A 39 -5.51 -7.73 16.40
C ALA A 39 -5.76 -9.22 16.57
N GLY A 40 -4.75 -9.98 16.96
CA GLY A 40 -4.91 -11.41 17.17
C GLY A 40 -4.37 -12.31 16.07
N VAL A 41 -3.68 -11.75 15.09
CA VAL A 41 -3.09 -12.59 14.07
C VAL A 41 -1.97 -13.45 14.70
N ASP A 42 -1.93 -14.76 14.38
CA ASP A 42 -0.97 -15.70 14.93
C ASP A 42 0.17 -16.04 13.95
N VAL A 43 -0.14 -16.09 12.66
CA VAL A 43 0.80 -16.59 11.66
C VAL A 43 0.74 -15.65 10.46
N VAL A 44 1.92 -15.33 9.90
CA VAL A 44 2.01 -14.60 8.67
C VAL A 44 2.61 -15.50 7.61
N ILE A 45 1.92 -15.67 6.50
CA ILE A 45 2.36 -16.44 5.35
C ILE A 45 2.66 -15.45 4.24
N ASN A 46 3.94 -15.37 3.87
CA ASN A 46 4.46 -14.39 2.91
C ASN A 46 4.71 -15.07 1.60
N LEU A 47 3.99 -14.62 0.57
CA LEU A 47 4.13 -15.11 -0.83
C LEU A 47 5.03 -14.24 -1.72
N MSE A 48 5.50 -13.13 -1.16
CA MSE A 48 6.34 -12.20 -1.91
CA MSE A 48 6.33 -12.23 -1.94
C MSE A 48 7.79 -12.63 -1.91
O MSE A 48 8.40 -12.72 -0.87
CB MSE A 48 6.21 -10.82 -1.26
CB MSE A 48 6.19 -10.80 -1.45
CG MSE A 48 7.10 -9.75 -1.84
CG MSE A 48 7.04 -9.85 -2.26
SE MSE A 48 6.78 -8.08 -0.94
SE MSE A 48 6.92 -8.08 -1.59
CE MSE A 48 7.68 -6.87 -2.18
CE MSE A 48 7.42 -8.31 0.25
N PRO A 49 8.39 -12.83 -3.09
CA PRO A 49 9.81 -13.18 -3.10
C PRO A 49 10.68 -12.12 -2.41
N ASP A 50 11.63 -12.61 -1.61
CA ASP A 50 12.60 -11.76 -0.89
C ASP A 50 13.41 -10.97 -1.91
N SER A 51 13.58 -11.52 -3.11
CA SER A 51 14.34 -10.83 -4.16
C SER A 51 13.72 -9.55 -4.68
N SER A 52 12.43 -9.31 -4.41
CA SER A 52 11.78 -8.08 -4.82
C SER A 52 12.47 -6.88 -4.15
N LYS A 53 12.68 -5.82 -4.92
CA LYS A 53 13.35 -4.65 -4.37
CA LYS A 53 13.34 -4.63 -4.40
C LYS A 53 12.49 -3.98 -3.30
N ASP A 54 11.20 -4.29 -3.28
CA ASP A 54 10.29 -3.72 -2.31
C ASP A 54 10.19 -4.54 -1.02
N ALA A 55 10.75 -5.75 -1.02
CA ALA A 55 10.64 -6.64 0.12
C ALA A 55 11.43 -6.16 1.31
N HIS A 56 11.01 -6.57 2.50
CA HIS A 56 11.82 -6.36 3.67
C HIS A 56 13.10 -7.15 3.54
N PRO A 57 14.21 -6.62 4.06
CA PRO A 57 15.46 -7.42 4.00
C PRO A 57 15.31 -8.76 4.81
N ASP A 58 14.52 -8.76 5.86
CA ASP A 58 14.28 -9.97 6.67
C ASP A 58 12.90 -9.87 7.31
N GLU A 59 11.89 -10.19 6.51
CA GLU A 59 10.53 -10.12 6.98
C GLU A 59 10.33 -11.02 8.19
N GLY A 60 10.91 -12.22 8.14
CA GLY A 60 10.70 -13.15 9.25
C GLY A 60 11.16 -12.64 10.59
N LYS A 61 12.25 -11.87 10.60
CA LYS A 61 12.69 -11.22 11.78
C LYS A 61 11.62 -10.29 12.32
N LEU A 62 11.04 -9.48 11.43
CA LEU A 62 9.99 -8.55 11.86
C LEU A 62 8.77 -9.29 12.41
N VAL A 63 8.39 -10.37 11.74
CA VAL A 63 7.19 -11.14 12.10
C VAL A 63 7.41 -11.82 13.45
N THR A 64 8.54 -12.46 13.61
CA THR A 64 8.81 -13.22 14.86
C THR A 64 9.08 -12.27 16.01
N GLN A 65 9.72 -11.13 15.76
CA GLN A 65 9.88 -10.06 16.77
CA GLN A 65 9.87 -10.12 16.80
C GLN A 65 8.54 -9.51 17.26
N ALA A 66 7.55 -9.45 16.37
CA ALA A 66 6.20 -8.97 16.70
C ALA A 66 5.38 -10.07 17.39
N GLY A 67 5.95 -11.24 17.64
CA GLY A 67 5.28 -12.33 18.32
C GLY A 67 4.41 -13.29 17.53
N MSE A 68 4.67 -13.37 16.23
CA MSE A 68 3.93 -14.26 15.37
C MSE A 68 4.79 -15.29 14.66
O MSE A 68 6.02 -15.14 14.62
CB MSE A 68 3.20 -13.44 14.30
CG MSE A 68 2.18 -12.51 14.87
SE MSE A 68 1.28 -11.32 13.62
CE MSE A 68 2.86 -10.25 13.13
N ASP A 69 4.16 -16.35 14.16
CA ASP A 69 4.87 -17.39 13.42
C ASP A 69 4.98 -16.92 11.97
N TYR A 70 6.06 -17.32 11.29
CA TYR A 70 6.38 -16.88 9.96
C TYR A 70 6.52 -18.08 9.02
N VAL A 71 5.84 -18.05 7.90
CA VAL A 71 5.94 -19.02 6.81
C VAL A 71 6.26 -18.28 5.52
N TYR A 72 7.29 -18.72 4.78
CA TYR A 72 7.72 -18.08 3.56
C TYR A 72 7.55 -19.06 2.41
N ILE A 73 6.64 -18.73 1.49
CA ILE A 73 6.32 -19.51 0.30
C ILE A 73 6.36 -18.55 -0.89
N PRO A 74 7.55 -18.25 -1.41
CA PRO A 74 7.60 -17.23 -2.44
C PRO A 74 6.99 -17.72 -3.73
N VAL A 75 6.22 -16.87 -4.39
CA VAL A 75 5.49 -17.25 -5.61
C VAL A 75 6.01 -16.34 -6.72
N ASP A 76 6.49 -16.97 -7.80
CA ASP A 76 6.94 -16.25 -8.94
C ASP A 76 5.74 -15.75 -9.72
N TRP A 77 5.71 -14.45 -10.02
CA TRP A 77 4.58 -13.86 -10.76
C TRP A 77 4.41 -14.43 -12.14
N GLN A 78 5.50 -14.64 -12.88
CA GLN A 78 5.42 -15.11 -14.27
CA GLN A 78 5.38 -15.09 -14.26
C GLN A 78 5.21 -16.62 -14.37
N ASN A 79 5.40 -17.35 -13.30
CA ASN A 79 5.19 -18.80 -13.37
C ASN A 79 4.76 -19.35 -12.05
N PRO A 80 3.58 -18.97 -11.58
CA PRO A 80 3.06 -19.55 -10.38
C PRO A 80 2.78 -21.04 -10.53
N LYS A 81 3.13 -21.82 -9.52
CA LYS A 81 3.07 -23.27 -9.68
C LYS A 81 2.00 -23.88 -8.80
N VAL A 82 1.41 -24.99 -9.27
CA VAL A 82 0.49 -25.76 -8.47
C VAL A 82 1.16 -26.17 -7.13
N GLU A 83 2.44 -26.48 -7.19
CA GLU A 83 3.18 -26.84 -6.01
C GLU A 83 3.21 -25.71 -4.97
N ASP A 84 3.22 -24.47 -5.44
CA ASP A 84 3.18 -23.32 -4.53
C ASP A 84 1.83 -23.27 -3.78
N VAL A 85 0.77 -23.47 -4.55
CA VAL A 85 -0.57 -23.51 -3.96
C VAL A 85 -0.69 -24.63 -2.95
N GLU A 86 -0.21 -25.81 -3.30
CA GLU A 86 -0.22 -26.97 -2.39
CA GLU A 86 -0.25 -26.93 -2.38
C GLU A 86 0.58 -26.72 -1.12
N ALA A 87 1.73 -26.05 -1.26
CA ALA A 87 2.53 -25.71 -0.12
C ALA A 87 1.76 -24.76 0.82
N PHE A 88 1.06 -23.80 0.23
CA PHE A 88 0.17 -22.94 1.03
C PHE A 88 -0.92 -23.73 1.73
N PHE A 89 -1.58 -24.61 0.99
CA PHE A 89 -2.61 -25.41 1.61
C PHE A 89 -2.09 -26.25 2.77
N ALA A 90 -0.88 -26.80 2.62
CA ALA A 90 -0.25 -27.58 3.69
C ALA A 90 0.08 -26.71 4.87
N ALA A 91 0.54 -25.48 4.62
CA ALA A 91 0.84 -24.58 5.72
C ALA A 91 -0.44 -24.21 6.49
N MSE A 92 -1.51 -23.97 5.76
CA MSE A 92 -2.80 -23.73 6.42
C MSE A 92 -3.22 -24.90 7.30
O MSE A 92 -3.54 -24.71 8.47
CB MSE A 92 -3.90 -23.41 5.39
CG MSE A 92 -3.69 -22.12 4.64
SE MSE A 92 -3.85 -20.53 5.76
CE MSE A 92 -5.79 -20.65 6.10
N ASP A 93 -3.11 -26.11 6.77
CA ASP A 93 -3.47 -27.27 7.59
CA ASP A 93 -3.45 -27.30 7.56
C ASP A 93 -2.61 -27.38 8.83
N GLN A 94 -1.34 -27.01 8.75
CA GLN A 94 -0.44 -27.09 9.90
C GLN A 94 -0.71 -26.02 10.95
N HIS A 95 -1.55 -25.05 10.63
CA HIS A 95 -1.87 -23.97 11.54
C HIS A 95 -3.33 -23.89 11.76
N LYS A 96 -3.90 -25.10 11.83
CA LYS A 96 -5.32 -25.24 11.96
C LYS A 96 -5.86 -24.51 13.19
N GLY A 97 -6.90 -23.72 13.00
CA GLY A 97 -7.51 -23.00 14.10
C GLY A 97 -6.83 -21.69 14.49
N LYS A 98 -5.71 -21.36 13.82
CA LYS A 98 -5.02 -20.10 14.09
C LYS A 98 -5.53 -18.99 13.17
N ASP A 99 -5.34 -17.74 13.61
CA ASP A 99 -5.62 -16.58 12.77
C ASP A 99 -4.42 -16.27 11.90
N VAL A 100 -4.63 -16.28 10.58
CA VAL A 100 -3.57 -16.21 9.58
C VAL A 100 -3.74 -14.98 8.71
N LEU A 101 -2.62 -14.34 8.41
CA LEU A 101 -2.53 -13.40 7.29
C LEU A 101 -1.73 -14.02 6.18
N VAL A 102 -2.26 -14.06 4.97
CA VAL A 102 -1.45 -14.39 3.80
C VAL A 102 -1.29 -13.09 3.02
N HIS A 103 -0.07 -12.76 2.63
CA HIS A 103 0.17 -11.50 1.93
C HIS A 103 1.21 -11.57 0.87
N CYS A 104 1.24 -10.50 0.10
CA CYS A 104 2.30 -10.29 -0.86
C CYS A 104 2.54 -8.77 -0.91
N LEU A 105 2.74 -8.15 -2.07
CA LEU A 105 2.95 -6.71 -2.10
C LEU A 105 1.64 -5.94 -2.21
N ALA A 106 0.77 -6.41 -3.11
CA ALA A 106 -0.49 -5.75 -3.40
C ALA A 106 -1.75 -6.63 -3.41
N ASN A 107 -1.62 -7.79 -2.82
CA ASN A 107 -2.69 -8.74 -2.62
C ASN A 107 -3.20 -9.40 -3.89
N TYR A 108 -2.39 -9.49 -4.95
CA TYR A 108 -2.82 -10.27 -6.13
C TYR A 108 -2.56 -11.75 -5.85
N ARG A 109 -1.32 -12.14 -5.61
CA ARG A 109 -1.00 -13.54 -5.30
C ARG A 109 -1.85 -14.02 -4.12
N ALA A 110 -1.90 -13.27 -3.03
CA ALA A 110 -2.55 -13.72 -1.80
C ALA A 110 -4.05 -13.87 -1.92
N SER A 111 -4.73 -12.95 -2.58
CA SER A 111 -6.19 -13.09 -2.74
C SER A 111 -6.52 -14.29 -3.66
N ALA A 112 -5.68 -14.55 -4.66
CA ALA A 112 -5.86 -15.71 -5.55
C ALA A 112 -5.70 -17.01 -4.75
N PHE A 113 -4.66 -17.06 -3.92
CA PHE A 113 -4.40 -18.25 -3.11
C PHE A 113 -5.50 -18.42 -2.05
N ALA A 114 -5.98 -17.32 -1.48
CA ALA A 114 -7.08 -17.42 -0.53
C ALA A 114 -8.34 -17.96 -1.22
N TYR A 115 -8.64 -17.51 -2.41
CA TYR A 115 -9.77 -18.03 -3.17
C TYR A 115 -9.64 -19.53 -3.36
N LEU A 116 -8.44 -20.00 -3.77
CA LEU A 116 -8.29 -21.41 -4.02
C LEU A 116 -8.43 -22.21 -2.73
N TYR A 117 -7.97 -21.68 -1.62
CA TYR A 117 -8.08 -22.34 -0.35
C TYR A 117 -9.52 -22.48 0.06
N GLN A 118 -10.26 -21.40 0.00
CA GLN A 118 -11.66 -21.46 0.39
C GLN A 118 -12.42 -22.41 -0.53
N LEU A 119 -12.10 -22.37 -1.82
CA LEU A 119 -12.75 -23.25 -2.78
C LEU A 119 -12.50 -24.71 -2.43
N LYS A 120 -11.25 -25.07 -2.11
CA LYS A 120 -10.95 -26.48 -1.83
C LYS A 120 -11.49 -26.95 -0.47
N GLN A 121 -11.64 -26.03 0.47
CA GLN A 121 -12.24 -26.30 1.77
C GLN A 121 -13.76 -26.53 1.66
N GLY A 122 -14.32 -26.37 0.48
CA GLY A 122 -15.77 -26.53 0.30
C GLY A 122 -16.58 -25.31 0.75
N GLN A 123 -15.93 -24.15 0.89
CA GLN A 123 -16.57 -22.94 1.45
C GLN A 123 -17.31 -22.10 0.39
N ASN A 124 -17.28 -22.54 -0.87
CA ASN A 124 -18.00 -21.87 -1.99
C ASN A 124 -17.77 -20.33 -2.03
N PRO A 125 -16.50 -19.90 -2.16
CA PRO A 125 -16.20 -18.47 -2.17
C PRO A 125 -16.73 -17.82 -3.45
N ASN A 126 -17.00 -16.53 -3.43
CA ASN A 126 -17.31 -15.81 -4.65
C ASN A 126 -16.00 -15.27 -5.22
N MSE A 127 -15.68 -15.64 -6.46
CA MSE A 127 -14.33 -15.36 -6.98
C MSE A 127 -14.08 -13.88 -7.09
O MSE A 127 -13.03 -13.39 -6.68
CB MSE A 127 -14.09 -16.03 -8.34
CG MSE A 127 -12.59 -16.23 -8.60
SE MSE A 127 -12.16 -17.07 -10.35
CE MSE A 127 -12.38 -15.39 -11.20
N ALA A 128 -15.01 -13.16 -7.69
CA ALA A 128 -14.84 -11.73 -7.89
C ALA A 128 -14.73 -11.00 -6.58
N GLN A 129 -15.49 -11.41 -5.57
CA GLN A 129 -15.45 -10.82 -4.25
C GLN A 129 -14.09 -11.06 -3.59
N THR A 130 -13.66 -12.31 -3.62
CA THR A 130 -12.40 -12.70 -2.97
C THR A 130 -11.21 -11.98 -3.65
N MSE A 131 -11.28 -11.89 -4.96
CA MSE A 131 -10.15 -11.39 -5.77
C MSE A 131 -10.36 -9.96 -6.20
O MSE A 131 -9.84 -9.52 -7.20
CB MSE A 131 -9.84 -12.31 -6.95
CG MSE A 131 -9.32 -13.70 -6.51
SE MSE A 131 -9.16 -14.94 -7.96
CE MSE A 131 -7.81 -14.01 -9.06
N THR A 132 -11.02 -9.21 -5.33
CA THR A 132 -11.22 -7.78 -5.54
C THR A 132 -9.93 -7.02 -5.90
N PRO A 133 -8.79 -7.36 -5.28
CA PRO A 133 -7.57 -6.65 -5.61
C PRO A 133 -7.11 -6.78 -7.02
N TRP A 134 -7.60 -7.80 -7.74
CA TRP A 134 -7.26 -8.03 -9.13
C TRP A 134 -7.90 -7.00 -10.05
N ASN A 135 -8.89 -6.28 -9.53
CA ASN A 135 -9.54 -5.25 -10.29
C ASN A 135 -9.91 -5.74 -11.66
N ASP A 136 -10.48 -6.94 -11.73
CA ASP A 136 -10.88 -7.60 -12.96
C ASP A 136 -9.77 -7.86 -14.04
N GLU A 137 -8.52 -8.01 -13.62
CA GLU A 137 -7.39 -8.17 -14.56
C GLU A 137 -6.97 -9.62 -14.75
N LEU A 138 -7.70 -10.57 -14.16
CA LEU A 138 -7.27 -11.94 -14.30
C LEU A 138 -7.09 -12.38 -15.76
N ALA A 139 -7.96 -11.92 -16.66
N ALA A 139 -7.96 -11.88 -16.65
CA ALA A 139 -7.84 -12.24 -18.09
CA ALA A 139 -7.99 -12.28 -18.05
C ALA A 139 -6.49 -11.80 -18.71
C ALA A 139 -6.82 -11.82 -18.94
N ILE A 140 -5.92 -10.73 -18.16
N ILE A 140 -5.94 -10.98 -18.41
CA ILE A 140 -4.63 -10.23 -18.61
CA ILE A 140 -4.70 -10.65 -19.14
C ILE A 140 -3.50 -11.25 -18.42
C ILE A 140 -3.48 -11.37 -18.54
N TYR A 141 -3.69 -12.22 -17.53
CA TYR A 141 -2.60 -13.03 -16.99
C TYR A 141 -2.94 -14.53 -17.19
N PRO A 142 -2.76 -15.05 -18.39
CA PRO A 142 -3.20 -16.41 -18.66
C PRO A 142 -2.53 -17.47 -17.81
N LYS A 143 -1.30 -17.23 -17.33
CA LYS A 143 -0.65 -18.23 -16.48
C LYS A 143 -1.41 -18.36 -15.17
N TRP A 144 -1.87 -17.22 -14.65
CA TRP A 144 -2.72 -17.20 -13.46
C TRP A 144 -4.08 -17.83 -13.72
N GLN A 145 -4.69 -17.53 -14.86
CA GLN A 145 -5.96 -18.15 -15.21
CA GLN A 145 -5.98 -18.14 -15.13
C GLN A 145 -5.79 -19.65 -15.21
N ALA A 146 -4.71 -20.13 -15.85
CA ALA A 146 -4.47 -21.56 -16.01
C ALA A 146 -4.26 -22.24 -14.66
N LEU A 147 -3.54 -21.59 -13.78
CA LEU A 147 -3.30 -22.07 -12.41
C LEU A 147 -4.63 -22.24 -11.69
N LEU A 148 -5.43 -21.19 -11.72
CA LEU A 148 -6.71 -21.24 -11.03
C LEU A 148 -7.64 -22.34 -11.56
N THR A 149 -7.67 -22.50 -12.87
CA THR A 149 -8.52 -23.52 -13.51
C THR A 149 -8.02 -24.90 -13.11
N GLU A 150 -6.73 -25.11 -13.16
CA GLU A 150 -6.11 -26.43 -12.89
C GLU A 150 -6.37 -26.83 -11.45
N VAL A 151 -6.19 -25.88 -10.53
CA VAL A 151 -6.31 -26.22 -9.12
C VAL A 151 -7.78 -26.41 -8.78
N SER A 152 -8.68 -25.59 -9.35
CA SER A 152 -10.11 -25.72 -9.09
C SER A 152 -10.56 -27.10 -9.52
N ALA A 153 -10.18 -27.52 -10.73
CA ALA A 153 -10.53 -28.87 -11.22
C ALA A 153 -9.93 -30.02 -10.39
N LYS A 154 -8.70 -29.86 -9.92
CA LYS A 154 -8.02 -30.86 -9.11
C LYS A 154 -8.77 -31.17 -7.81
N TYR A 155 -9.36 -30.12 -7.22
CA TYR A 155 -9.97 -30.24 -5.89
CA TYR A 155 -9.95 -30.17 -5.89
C TYR A 155 -11.49 -30.20 -5.91
N GLY A 156 -12.06 -30.68 -7.01
CA GLY A 156 -13.50 -30.95 -7.11
C GLY A 156 -14.41 -29.90 -7.69
N HIS A 157 -13.81 -28.82 -8.18
CA HIS A 157 -14.56 -27.65 -8.61
C HIS A 157 -14.16 -27.24 -10.03
N SER B 5 14.53 4.96 -12.79
CA SER B 5 13.71 5.63 -11.72
C SER B 5 12.35 4.98 -11.65
N ILE B 6 11.73 4.91 -12.79
CA ILE B 6 10.37 4.49 -12.85
C ILE B 6 10.34 3.07 -12.39
N GLU B 7 11.26 2.24 -12.87
CA GLU B 7 11.25 0.85 -12.49
C GLU B 7 11.53 0.74 -11.03
N ASN B 8 12.34 1.62 -10.44
CA ASN B 8 12.64 1.44 -9.04
CA ASN B 8 12.61 1.35 -9.05
C ASN B 8 11.49 1.85 -8.12
N LEU B 9 10.53 2.65 -8.64
CA LEU B 9 9.50 3.15 -7.75
CA LEU B 9 9.44 3.31 -7.93
C LEU B 9 8.13 2.51 -7.95
N GLN B 10 8.07 1.52 -8.84
CA GLN B 10 6.76 1.00 -9.22
CA GLN B 10 6.83 0.89 -9.24
C GLN B 10 6.09 0.22 -8.09
N GLY B 11 6.82 -0.19 -7.07
CA GLY B 11 6.22 -0.92 -5.96
C GLY B 11 5.72 -0.06 -4.82
N ILE B 12 5.91 1.25 -4.90
CA ILE B 12 5.44 2.15 -3.85
C ILE B 12 3.96 2.30 -3.93
N ARG B 13 3.26 2.20 -2.80
CA ARG B 13 1.84 2.28 -2.76
C ARG B 13 1.29 3.59 -3.31
N ALA B 14 0.35 3.48 -4.24
CA ALA B 14 -0.45 4.59 -4.75
C ALA B 14 0.40 5.71 -5.30
N LEU B 15 1.50 5.38 -5.93
CA LEU B 15 2.39 6.39 -6.50
C LEU B 15 1.94 6.91 -7.82
N GLN B 16 2.06 8.24 -7.99
CA GLN B 16 1.67 8.93 -9.20
C GLN B 16 2.66 10.02 -9.50
N GLN B 17 2.96 10.19 -10.77
CA GLN B 17 3.72 11.33 -11.28
CA GLN B 17 3.76 11.35 -11.18
C GLN B 17 2.77 12.51 -11.37
N GLN B 18 3.02 13.62 -10.66
CA GLN B 18 2.13 14.77 -10.69
C GLN B 18 2.68 15.90 -11.56
N ALA B 19 3.99 15.95 -11.65
CA ALA B 19 4.71 16.91 -12.50
C ALA B 19 6.11 16.36 -12.67
N PRO B 20 6.92 17.00 -13.53
CA PRO B 20 8.19 16.32 -13.79
C PRO B 20 9.13 16.13 -12.59
N GLN B 21 9.05 17.05 -11.60
CA GLN B 21 9.79 16.93 -10.36
C GLN B 21 8.91 16.76 -9.11
N LEU B 22 7.66 16.31 -9.32
CA LEU B 22 6.76 16.07 -8.21
C LEU B 22 6.05 14.72 -8.34
N LEU B 23 6.30 13.86 -7.38
CA LEU B 23 5.57 12.63 -7.19
C LEU B 23 4.66 12.78 -6.00
N SER B 24 3.52 12.07 -6.02
CA SER B 24 2.73 11.88 -4.81
C SER B 24 2.55 10.40 -4.61
N SER B 25 2.41 9.98 -3.36
CA SER B 25 2.21 8.57 -3.09
C SER B 25 1.59 8.32 -1.74
N GLY B 26 1.30 7.03 -1.52
CA GLY B 26 1.12 6.52 -0.18
C GLY B 26 2.41 6.24 0.55
N LEU B 27 2.35 5.43 1.61
CA LEU B 27 3.44 5.35 2.58
C LEU B 27 4.58 4.42 2.12
N PRO B 28 5.76 4.96 1.87
CA PRO B 28 6.87 4.06 1.55
C PRO B 28 7.23 3.25 2.80
N ASN B 29 7.63 1.98 2.65
CA ASN B 29 8.26 1.23 3.72
C ASN B 29 9.74 1.65 3.79
N GLU B 30 10.46 1.15 4.76
CA GLU B 30 11.83 1.58 4.99
C GLU B 30 12.70 1.38 3.77
N GLN B 31 12.68 0.22 3.17
CA GLN B 31 13.50 -0.05 2.02
C GLN B 31 13.18 0.82 0.84
N GLN B 32 11.93 1.21 0.73
CA GLN B 32 11.52 2.07 -0.36
C GLN B 32 12.08 3.49 -0.28
N PHE B 33 12.47 3.94 0.91
CA PHE B 33 13.18 5.23 0.95
C PHE B 33 14.53 5.14 0.27
N SER B 34 15.20 4.01 0.33
CA SER B 34 16.45 3.83 -0.41
C SER B 34 16.18 3.81 -1.91
N LEU B 35 15.09 3.15 -2.33
CA LEU B 35 14.67 3.17 -3.71
C LEU B 35 14.42 4.60 -4.19
N LEU B 36 13.74 5.40 -3.35
CA LEU B 36 13.47 6.74 -3.73
C LEU B 36 14.77 7.52 -3.99
N LYS B 37 15.78 7.32 -3.15
CA LYS B 37 17.06 7.99 -3.39
C LYS B 37 17.68 7.53 -4.69
N GLN B 38 17.65 6.24 -4.91
CA GLN B 38 18.19 5.65 -6.14
CA GLN B 38 18.21 5.66 -6.15
C GLN B 38 17.51 6.24 -7.37
N ALA B 39 16.22 6.55 -7.26
CA ALA B 39 15.44 7.09 -8.33
C ALA B 39 15.71 8.58 -8.54
N GLY B 40 16.45 9.22 -7.65
CA GLY B 40 16.79 10.61 -7.73
C GLY B 40 15.87 11.58 -7.02
N VAL B 41 15.03 11.07 -6.13
CA VAL B 41 14.20 11.95 -5.30
C VAL B 41 15.11 12.63 -4.29
N ASP B 42 14.97 13.95 -4.17
CA ASP B 42 15.78 14.78 -3.27
C ASP B 42 15.12 15.08 -1.94
N VAL B 43 13.80 15.22 -1.94
CA VAL B 43 13.05 15.76 -0.80
C VAL B 43 11.81 14.93 -0.60
N VAL B 44 11.56 14.49 0.64
CA VAL B 44 10.34 13.79 0.97
C VAL B 44 9.55 14.69 1.91
N ILE B 45 8.31 14.99 1.52
CA ILE B 45 7.36 15.80 2.30
C ILE B 45 6.30 14.84 2.81
N ASN B 46 6.22 14.66 4.12
CA ASN B 46 5.31 13.69 4.77
C ASN B 46 4.15 14.47 5.41
N LEU B 47 2.93 14.19 4.92
CA LEU B 47 1.71 14.78 5.41
C LEU B 47 0.98 13.91 6.45
N MSE B 48 1.50 12.71 6.73
CA MSE B 48 0.79 11.82 7.67
C MSE B 48 1.28 12.09 9.08
O MSE B 48 2.47 11.99 9.35
CB MSE B 48 1.06 10.38 7.28
CG MSE B 48 0.40 9.37 8.17
SE MSE B 48 0.85 7.57 7.65
CE MSE B 48 2.69 7.69 7.98
N PRO B 49 0.37 12.39 10.02
CA PRO B 49 0.81 12.61 11.39
C PRO B 49 1.52 11.39 11.98
N ASP B 50 2.61 11.66 12.70
CA ASP B 50 3.39 10.64 13.38
C ASP B 50 2.54 9.86 14.38
N SER B 51 1.45 10.49 14.87
CA SER B 51 0.55 9.78 15.80
C SER B 51 -0.26 8.70 15.13
N SER B 52 -0.31 8.67 13.80
CA SER B 52 -1.02 7.60 13.07
CA SER B 52 -1.02 7.63 13.07
C SER B 52 -0.48 6.25 13.46
N LYS B 53 -1.40 5.27 13.59
CA LYS B 53 -1.04 3.90 13.92
C LYS B 53 -0.13 3.26 12.86
N ASP B 54 -0.20 3.78 11.63
CA ASP B 54 0.56 3.22 10.52
C ASP B 54 1.91 3.90 10.31
N ALA B 55 2.19 4.94 11.06
CA ALA B 55 3.39 5.75 10.83
C ALA B 55 4.67 5.09 11.25
N HIS B 56 5.76 5.40 10.55
CA HIS B 56 7.07 5.01 11.03
C HIS B 56 7.36 5.71 12.34
N PRO B 57 8.08 5.06 13.22
CA PRO B 57 8.50 5.75 14.45
C PRO B 57 9.42 6.97 14.22
N ASP B 58 10.22 6.92 13.16
CA ASP B 58 11.15 8.02 12.89
C ASP B 58 11.40 8.10 11.41
N GLU B 59 10.37 8.58 10.70
CA GLU B 59 10.52 8.67 9.27
C GLU B 59 11.68 9.62 8.87
N GLY B 60 11.84 10.70 9.63
CA GLY B 60 12.89 11.65 9.28
C GLY B 60 14.28 11.00 9.26
N LYS B 61 14.57 10.10 10.20
CA LYS B 61 15.80 9.34 10.17
C LYS B 61 15.91 8.46 8.93
N LEU B 62 14.84 7.81 8.54
CA LEU B 62 14.90 6.97 7.37
C LEU B 62 15.20 7.81 6.10
N VAL B 63 14.54 8.96 5.98
CA VAL B 63 14.73 9.82 4.84
C VAL B 63 16.14 10.44 4.82
N THR B 64 16.59 10.96 5.96
CA THR B 64 17.90 11.63 5.95
CA THR B 64 17.88 11.65 6.05
C THR B 64 19.02 10.61 5.82
N GLN B 65 18.90 9.44 6.43
CA GLN B 65 19.95 8.45 6.26
C GLN B 65 19.95 7.88 4.87
N ALA B 66 18.87 7.99 4.11
CA ALA B 66 18.85 7.59 2.74
C ALA B 66 19.48 8.66 1.82
N GLY B 67 19.88 9.80 2.36
CA GLY B 67 20.50 10.83 1.54
C GLY B 67 19.55 11.87 0.97
N MSE B 68 18.40 12.04 1.59
CA MSE B 68 17.39 12.98 1.13
C MSE B 68 17.05 13.97 2.22
O MSE B 68 17.48 13.80 3.35
CB MSE B 68 16.12 12.28 0.62
CG MSE B 68 16.37 11.32 -0.50
SE MSE B 68 14.81 10.39 -1.09
CE MSE B 68 14.47 9.26 0.47
N ASP B 69 16.34 15.04 1.86
CA ASP B 69 15.86 16.02 2.85
C ASP B 69 14.42 15.66 3.25
N TYR B 70 14.10 15.89 4.51
CA TYR B 70 12.81 15.56 5.07
C TYR B 70 12.07 16.79 5.51
N VAL B 71 10.81 16.87 5.14
CA VAL B 71 9.89 17.93 5.59
C VAL B 71 8.64 17.24 6.15
N TYR B 72 8.23 17.61 7.35
CA TYR B 72 7.07 17.04 8.04
C TYR B 72 6.01 18.12 8.20
N ILE B 73 4.86 17.87 7.57
CA ILE B 73 3.72 18.78 7.62
C ILE B 73 2.50 17.92 7.96
N PRO B 74 2.27 17.59 9.21
CA PRO B 74 1.17 16.68 9.55
C PRO B 74 -0.17 17.31 9.24
N VAL B 75 -0.97 16.57 8.51
CA VAL B 75 -2.33 17.01 8.16
C VAL B 75 -3.34 16.07 8.78
N ASP B 76 -4.21 16.63 9.61
CA ASP B 76 -5.27 15.82 10.25
C ASP B 76 -6.36 15.56 9.25
N TRP B 77 -6.61 14.30 8.95
CA TRP B 77 -7.58 13.90 7.94
C TRP B 77 -8.95 14.45 8.29
N GLN B 78 -9.23 14.48 9.59
CA GLN B 78 -10.51 15.01 10.09
C GLN B 78 -10.63 16.51 10.23
N ASN B 79 -9.53 17.24 10.04
CA ASN B 79 -9.53 18.64 10.22
C ASN B 79 -8.43 19.33 9.40
N PRO B 80 -8.50 19.18 8.08
CA PRO B 80 -7.43 19.82 7.30
C PRO B 80 -7.61 21.33 7.27
N LYS B 81 -6.51 22.07 7.18
CA LYS B 81 -6.52 23.53 7.33
CA LYS B 81 -6.57 23.52 7.32
C LYS B 81 -5.85 24.20 6.14
N VAL B 82 -6.33 25.39 5.80
CA VAL B 82 -5.69 26.20 4.75
C VAL B 82 -4.22 26.43 5.12
N GLU B 83 -3.96 26.57 6.40
CA GLU B 83 -2.58 26.80 6.87
CA GLU B 83 -2.60 26.80 6.87
C GLU B 83 -1.69 25.59 6.55
N ASP B 84 -2.24 24.37 6.54
CA ASP B 84 -1.48 23.19 6.15
C ASP B 84 -1.07 23.26 4.69
N VAL B 85 -2.01 23.63 3.84
CA VAL B 85 -1.79 23.78 2.42
C VAL B 85 -0.75 24.86 2.17
N GLU B 86 -0.88 25.96 2.90
CA GLU B 86 0.09 27.06 2.73
C GLU B 86 1.50 26.64 3.25
N ALA B 87 1.58 25.80 4.28
CA ALA B 87 2.87 25.26 4.76
C ALA B 87 3.48 24.39 3.66
N PHE B 88 2.66 23.60 2.95
CA PHE B 88 3.12 22.79 1.84
C PHE B 88 3.64 23.68 0.71
N PHE B 89 2.89 24.71 0.36
CA PHE B 89 3.38 25.62 -0.65
C PHE B 89 4.72 26.25 -0.27
N ALA B 90 4.88 26.62 0.99
CA ALA B 90 6.13 27.20 1.46
C ALA B 90 7.26 26.20 1.33
N ALA B 91 7.00 24.93 1.68
CA ALA B 91 8.04 23.91 1.57
C ALA B 91 8.42 23.70 0.12
N MSE B 92 7.47 23.68 -0.79
CA MSE B 92 7.75 23.56 -2.21
C MSE B 92 8.65 24.72 -2.66
O MSE B 92 9.67 24.52 -3.32
CB MSE B 92 6.52 23.47 -3.10
CG MSE B 92 5.71 22.21 -2.91
SE MSE B 92 6.63 20.57 -3.37
CE MSE B 92 6.69 20.86 -5.26
N ASP B 93 8.28 25.93 -2.26
CA ASP B 93 9.09 27.10 -2.63
CA ASP B 93 9.10 27.11 -2.59
C ASP B 93 10.51 27.04 -2.02
N GLN B 94 10.67 26.44 -0.84
CA GLN B 94 11.97 26.27 -0.20
C GLN B 94 12.86 25.19 -0.82
N HIS B 95 12.30 24.38 -1.73
CA HIS B 95 13.02 23.29 -2.43
C HIS B 95 12.84 23.37 -3.93
N LYS B 96 12.84 24.62 -4.46
CA LYS B 96 12.63 24.79 -5.90
C LYS B 96 13.75 24.11 -6.64
N GLY B 97 13.43 23.47 -7.75
CA GLY B 97 14.35 22.80 -8.61
C GLY B 97 14.76 21.40 -8.16
N LYS B 98 14.26 20.99 -7.01
CA LYS B 98 14.54 19.63 -6.52
C LYS B 98 13.43 18.68 -6.85
N ASP B 99 13.79 17.40 -6.90
CA ASP B 99 12.79 16.32 -7.11
C ASP B 99 12.15 15.96 -5.79
N VAL B 100 10.83 16.10 -5.74
CA VAL B 100 10.07 16.02 -4.51
C VAL B 100 9.10 14.81 -4.59
N LEU B 101 8.96 14.10 -3.49
CA LEU B 101 7.84 13.19 -3.19
C LEU B 101 7.02 13.81 -2.05
N VAL B 102 5.69 13.98 -2.25
CA VAL B 102 4.81 14.28 -1.16
C VAL B 102 3.99 13.02 -0.91
N HIS B 103 3.91 12.58 0.33
CA HIS B 103 3.18 11.32 0.57
C HIS B 103 2.37 11.41 1.84
N CYS B 104 1.48 10.44 1.96
CA CYS B 104 0.72 10.19 3.18
C CYS B 104 0.58 8.67 3.28
N LEU B 105 -0.59 8.12 3.59
CA LEU B 105 -0.74 6.68 3.70
C LEU B 105 -1.16 6.07 2.37
N ALA B 106 -2.14 6.68 1.67
CA ALA B 106 -2.73 6.07 0.51
C ALA B 106 -2.98 7.10 -0.59
N ASN B 107 -2.22 8.20 -0.55
CA ASN B 107 -2.22 9.24 -1.60
C ASN B 107 -3.46 10.12 -1.63
N TYR B 108 -4.30 10.12 -0.58
CA TYR B 108 -5.47 11.04 -0.64
C TYR B 108 -5.01 12.46 -0.34
N ARG B 109 -4.48 12.68 0.85
CA ARG B 109 -3.98 14.00 1.25
C ARG B 109 -2.97 14.50 0.24
N ALA B 110 -2.01 13.62 -0.13
CA ALA B 110 -0.90 14.04 -0.98
C ALA B 110 -1.36 14.46 -2.36
N SER B 111 -2.28 13.72 -2.96
CA SER B 111 -2.75 14.07 -4.31
C SER B 111 -3.56 15.36 -4.29
N ALA B 112 -4.32 15.55 -3.22
CA ALA B 112 -5.08 16.82 -3.08
C ALA B 112 -4.15 17.99 -2.93
N PHE B 113 -3.09 17.85 -2.13
CA PHE B 113 -2.13 18.95 -1.93
C PHE B 113 -1.38 19.19 -3.23
N ALA B 114 -0.99 18.13 -3.93
CA ALA B 114 -0.31 18.30 -5.21
C ALA B 114 -1.17 19.06 -6.18
N TYR B 115 -2.45 18.71 -6.26
CA TYR B 115 -3.43 19.43 -7.11
C TYR B 115 -3.43 20.92 -6.78
N LEU B 116 -3.57 21.27 -5.52
CA LEU B 116 -3.67 22.66 -5.15
C LEU B 116 -2.36 23.39 -5.47
N TYR B 117 -1.20 22.77 -5.32
CA TYR B 117 0.08 23.45 -5.61
C TYR B 117 0.17 23.70 -7.08
N GLN B 118 -0.22 22.72 -7.87
CA GLN B 118 -0.14 22.93 -9.30
C GLN B 118 -1.12 23.98 -9.78
N LEU B 119 -2.30 24.03 -9.15
CA LEU B 119 -3.27 25.08 -9.47
CA LEU B 119 -3.27 25.08 -9.42
C LEU B 119 -2.66 26.43 -9.14
N LYS B 120 -2.07 26.59 -7.95
CA LYS B 120 -1.42 27.85 -7.56
C LYS B 120 -0.30 28.25 -8.51
N GLN B 121 0.41 27.26 -9.05
CA GLN B 121 1.54 27.50 -9.97
C GLN B 121 1.07 27.81 -11.38
N GLY B 122 -0.23 27.87 -11.59
CA GLY B 122 -0.80 28.19 -12.90
C GLY B 122 -0.63 27.08 -13.90
N GLN B 123 -0.49 25.85 -13.42
CA GLN B 123 -0.16 24.70 -14.31
C GLN B 123 -1.43 24.05 -14.86
N ASN B 124 -2.58 24.56 -14.48
CA ASN B 124 -3.86 24.11 -14.98
C ASN B 124 -4.06 22.58 -14.83
N PRO B 125 -3.88 22.08 -13.60
CA PRO B 125 -4.03 20.64 -13.42
C PRO B 125 -5.48 20.21 -13.64
N ASN B 126 -5.61 18.97 -14.11
CA ASN B 126 -6.88 18.29 -14.26
C ASN B 126 -7.19 17.54 -12.97
N MSE B 127 -8.28 17.90 -12.30
CA MSE B 127 -8.53 17.39 -10.98
C MSE B 127 -8.68 15.85 -10.95
O MSE B 127 -8.08 15.18 -10.11
CB MSE B 127 -9.76 18.04 -10.37
CG MSE B 127 -9.73 18.06 -8.88
SE MSE B 127 -11.34 18.91 -8.18
CE MSE B 127 -10.48 19.61 -6.56
N ALA B 128 -9.45 15.30 -11.90
CA ALA B 128 -9.70 13.86 -11.95
C ALA B 128 -8.40 13.08 -12.14
N GLN B 129 -7.51 13.62 -12.99
CA GLN B 129 -6.25 12.95 -13.29
CA GLN B 129 -6.23 12.97 -13.29
C GLN B 129 -5.28 13.05 -12.09
N THR B 130 -5.28 14.18 -11.41
CA THR B 130 -4.34 14.43 -10.32
C THR B 130 -4.76 13.67 -9.05
N MSE B 131 -6.06 13.69 -8.80
CA MSE B 131 -6.62 13.20 -7.56
C MSE B 131 -7.17 11.78 -7.71
O MSE B 131 -8.25 11.44 -7.23
CB MSE B 131 -7.60 14.22 -7.00
CG MSE B 131 -6.89 15.38 -6.33
SE MSE B 131 -8.12 16.77 -5.78
CE MSE B 131 -9.15 15.75 -4.57
N THR B 132 -6.40 10.91 -8.34
N THR B 132 -6.31 10.95 -8.26
CA THR B 132 -6.91 9.57 -8.70
CA THR B 132 -6.60 9.58 -8.62
C THR B 132 -7.49 8.75 -7.52
C THR B 132 -7.38 8.80 -7.57
N PRO B 133 -6.89 8.78 -6.32
CA PRO B 133 -7.53 8.01 -5.21
C PRO B 133 -8.97 8.43 -4.87
N TRP B 134 -9.27 9.70 -5.11
CA TRP B 134 -10.56 10.28 -4.85
C TRP B 134 -11.61 10.01 -5.98
N ASN B 135 -11.20 9.50 -7.15
CA ASN B 135 -12.13 9.26 -8.26
C ASN B 135 -13.17 8.22 -7.84
N LEU B 138 -16.32 8.50 -4.06
CA LEU B 138 -17.79 8.42 -4.08
C LEU B 138 -18.48 8.70 -2.72
N ALA B 139 -17.68 8.87 -1.66
CA ALA B 139 -18.15 9.44 -0.38
C ALA B 139 -18.13 10.98 -0.47
N ILE B 140 -18.73 11.63 0.51
CA ILE B 140 -18.54 13.06 0.69
C ILE B 140 -17.60 13.23 1.88
N TYR B 141 -16.61 14.10 1.69
CA TYR B 141 -15.71 14.47 2.73
C TYR B 141 -15.89 15.98 2.90
N PRO B 142 -16.80 16.39 3.77
CA PRO B 142 -17.20 17.80 3.78
C PRO B 142 -16.04 18.76 3.99
N LYS B 143 -15.12 18.45 4.91
CA LYS B 143 -14.06 19.35 5.25
C LYS B 143 -13.08 19.45 4.09
N TRP B 144 -12.87 18.35 3.38
CA TRP B 144 -11.96 18.36 2.22
C TRP B 144 -12.56 19.11 1.06
N GLN B 145 -13.86 18.96 0.83
CA GLN B 145 -14.48 19.69 -0.27
CA GLN B 145 -14.58 19.69 -0.19
C GLN B 145 -14.44 21.18 0.04
N ALA B 146 -14.67 21.58 1.28
CA ALA B 146 -14.59 23.00 1.66
C ALA B 146 -13.18 23.54 1.54
N LEU B 147 -12.19 22.76 1.96
CA LEU B 147 -10.80 23.18 1.83
C LEU B 147 -10.40 23.36 0.38
N LEU B 148 -10.74 22.42 -0.46
CA LEU B 148 -10.37 22.50 -1.87
C LEU B 148 -11.05 23.71 -2.52
N THR B 149 -12.28 23.98 -2.13
CA THR B 149 -13.00 25.13 -2.68
C THR B 149 -12.35 26.42 -2.25
N GLU B 150 -12.04 26.55 -0.96
CA GLU B 150 -11.47 27.77 -0.39
C GLU B 150 -10.11 28.04 -1.03
N VAL B 151 -9.26 27.03 -1.06
CA VAL B 151 -7.92 27.25 -1.62
C VAL B 151 -7.99 27.54 -3.10
N SER B 152 -8.83 26.87 -3.84
CA SER B 152 -9.01 27.12 -5.27
C SER B 152 -9.53 28.54 -5.50
N ALA B 153 -10.37 29.04 -4.59
CA ALA B 153 -10.91 30.40 -4.69
C ALA B 153 -9.77 31.41 -4.55
N LYS B 154 -8.87 31.17 -3.61
CA LYS B 154 -7.81 32.10 -3.33
C LYS B 154 -6.73 32.10 -4.41
N TYR B 155 -6.32 30.92 -4.85
CA TYR B 155 -5.14 30.79 -5.72
C TYR B 155 -5.40 30.51 -7.19
N GLY B 156 -6.62 30.19 -7.58
CA GLY B 156 -6.91 29.92 -8.99
C GLY B 156 -7.00 31.18 -9.85
N HIS B 157 -6.31 31.23 -10.99
CA HIS B 157 -6.33 32.35 -11.95
C HIS B 157 -6.30 32.05 -13.46
CL CL C . 9.00 -0.68 7.05
S SO4 D . 1.31 -8.88 -5.84
O1 SO4 D . 0.12 -8.18 -5.45
O2 SO4 D . 1.83 -8.37 -7.11
O3 SO4 D . 2.34 -8.72 -4.81
O4 SO4 D . 1.01 -10.33 -5.91
S SO4 E . -2.33 -1.64 -6.92
O1 SO4 E . -3.46 -1.24 -6.07
O2 SO4 E . -2.32 -0.95 -8.22
O3 SO4 E . -1.10 -1.39 -6.21
O4 SO4 E . -2.56 -3.02 -7.12
S SO4 F . -4.83 -0.18 -1.25
O1 SO4 F . -6.18 -0.20 -1.72
O2 SO4 F . -4.13 -1.29 -1.87
O3 SO4 F . -4.09 1.05 -1.62
O4 SO4 F . -4.86 -0.29 0.15
C1 EDO G . 4.83 -1.56 1.82
O1 EDO G . 4.78 -1.67 3.09
C2 EDO G . 3.48 -1.07 1.26
O2 EDO G . 3.62 -0.91 -0.13
CL CL H . -1.44 1.06 -4.79
CL CL I . -4.41 6.18 12.91
S SO4 J . -4.37 9.29 3.16
O1 SO4 J . -3.26 9.09 4.07
O2 SO4 J . -4.17 8.62 1.90
O3 SO4 J . -4.52 10.77 2.99
O4 SO4 J . -5.59 8.79 3.88
C1 EDO K . 11.56 10.39 -10.14
O1 EDO K . 11.48 11.17 -11.34
C2 EDO K . 12.64 10.96 -9.23
O2 EDO K . 12.16 12.21 -8.69
C1 EDO L . 2.20 13.73 16.13
O1 EDO L . 1.26 13.34 15.15
C2 EDO L . 2.23 15.22 16.06
O2 EDO L . 3.13 15.58 15.01
#